data_9LKC
#
_entry.id   9LKC
#
_cell.length_a   38.142
_cell.length_b   48.850
_cell.length_c   119.751
_cell.angle_alpha   90.00
_cell.angle_beta   90.00
_cell.angle_gamma   90.00
#
_symmetry.space_group_name_H-M   'P 2 2 2'
#
loop_
_entity.id
_entity.type
_entity.pdbx_description
1 polymer 'PRTg (71-MER)'
2 non-polymer 'MAGNESIUM ION'
3 non-polymer "2'-DEOXY-GUANOSINE"
4 water water
#
_entity_poly.entity_id   1
_entity_poly.type   'polyribonucleotide'
_entity_poly.pdbx_seq_one_letter_code
;GGGUUGUAUAAGCUCGUUAAUUUGGAAUGAGCGUAUCUACAGGCAACCGUAAAUUGCCCCAGGCUACAAUC
;
_entity_poly.pdbx_strand_id   A
#